data_9E8P
#
_entry.id   9E8P
#
_cell.length_a   97.388
_cell.length_b   97.388
_cell.length_c   166.774
_cell.angle_alpha   90.000
_cell.angle_beta   90.000
_cell.angle_gamma   90.000
#
_symmetry.space_group_name_H-M   'P 43 21 2'
#
loop_
_entity.id
_entity.type
_entity.pdbx_description
1 polymer 'Ubiquitin-like-conjugating enzyme ATG3'
2 polymer 'Gamma-aminobutyric acid receptor-associated protein'
3 non-polymer 'SULFATE ION'
4 non-polymer 1,2-ETHANEDIOL
5 water water
#
loop_
_entity_poly.entity_id
_entity_poly.type
_entity_poly.pdbx_seq_one_letter_code
_entity_poly.pdbx_strand_id
1 'polypeptide(L)'
;GSKFKETGVITPEEFVAAGDHLVHHCPTWQWATGEELKVKAYLPTGKQFLVTKNVPCYKRCKQMEYSDEDEGEAADMEEY
EESGLLETDEATLDTRKIVEAAILQTRTYDLYITYDKYYQTPRLWLFGYDEQRQPLTVEHMYEDISQDHVKKTVTIENHP
HLPPPPMCSVHPKRHAEVMKKIIETVAEGGGELGVHMYLLIFLKFVQAVIPTIEYDYTRHFTM
;
A,B
2 'polypeptide(L)'
;SHMKFVYKEEHPFEKRRSEGEKIRKKYPDRVPVIVEKAPKARIGDLDKKKYLVPSDLTVGQFYFLIRKRIHLRAEDALFF
FVNNVIPPTSATMGQLYQEHHEEDFFLYIAYSDESVYG
;
C,D
#
loop_
_chem_comp.id
_chem_comp.type
_chem_comp.name
_chem_comp.formula
EDO non-polymer 1,2-ETHANEDIOL 'C2 H6 O2'
SO4 non-polymer 'SULFATE ION' 'O4 S -2'
#
# COMPACT_ATOMS: atom_id res chain seq x y z
N LYS A 3 1.24 -27.20 -15.99
CA LYS A 3 1.53 -25.80 -15.75
C LYS A 3 0.74 -24.91 -16.70
N PHE A 4 1.20 -23.68 -16.88
CA PHE A 4 0.53 -22.67 -17.68
C PHE A 4 1.37 -22.34 -18.91
N LYS A 5 0.77 -21.60 -19.84
CA LYS A 5 1.52 -21.14 -21.01
C LYS A 5 2.59 -20.14 -20.61
N GLU A 6 2.26 -19.25 -19.67
CA GLU A 6 3.22 -18.33 -19.08
C GLU A 6 2.93 -18.23 -17.59
N THR A 7 3.88 -18.66 -16.77
CA THR A 7 3.68 -18.74 -15.33
C THR A 7 3.34 -17.37 -14.76
N GLY A 8 2.20 -17.28 -14.09
CA GLY A 8 1.78 -16.03 -13.48
C GLY A 8 0.51 -15.47 -14.07
N VAL A 9 0.42 -15.45 -15.40
CA VAL A 9 -0.74 -14.90 -16.09
C VAL A 9 -1.68 -16.04 -16.50
N ILE A 10 -2.70 -15.72 -17.28
CA ILE A 10 -3.75 -16.67 -17.61
C ILE A 10 -4.32 -16.32 -18.98
N THR A 11 -4.52 -17.34 -19.82
CA THR A 11 -5.14 -17.17 -21.13
C THR A 11 -6.65 -17.32 -21.02
N PRO A 12 -7.41 -16.86 -22.02
CA PRO A 12 -8.88 -17.02 -21.96
C PRO A 12 -9.33 -18.45 -21.75
N GLU A 13 -8.63 -19.43 -22.34
CA GLU A 13 -9.01 -20.83 -22.12
C GLU A 13 -8.66 -21.27 -20.70
N GLU A 14 -7.51 -20.85 -20.19
CA GLU A 14 -7.17 -21.13 -18.80
C GLU A 14 -8.14 -20.45 -17.84
N PHE A 15 -8.66 -19.28 -18.21
CA PHE A 15 -9.62 -18.59 -17.38
C PHE A 15 -10.95 -19.35 -17.32
N VAL A 16 -11.37 -19.94 -18.45
CA VAL A 16 -12.57 -20.77 -18.44
C VAL A 16 -12.35 -22.03 -17.62
N ALA A 17 -11.19 -22.69 -17.80
CA ALA A 17 -10.90 -23.90 -17.04
C ALA A 17 -10.85 -23.62 -15.54
N ALA A 18 -10.22 -22.51 -15.15
CA ALA A 18 -10.17 -22.16 -13.73
C ALA A 18 -11.54 -21.74 -13.22
N GLY A 19 -12.33 -21.08 -14.06
CA GLY A 19 -13.67 -20.69 -13.66
C GLY A 19 -14.61 -21.88 -13.53
N ASP A 20 -14.51 -22.83 -14.47
CA ASP A 20 -15.36 -24.02 -14.40
C ASP A 20 -15.08 -24.83 -13.15
N HIS A 21 -13.83 -24.83 -12.66
CA HIS A 21 -13.51 -25.55 -11.44
C HIS A 21 -13.99 -24.79 -10.21
N LEU A 22 -13.96 -23.45 -10.25
CA LEU A 22 -14.49 -22.65 -9.15
C LEU A 22 -16.00 -22.86 -9.00
N VAL A 23 -16.73 -22.82 -10.13
CA VAL A 23 -18.17 -23.01 -10.08
C VAL A 23 -18.51 -24.40 -9.57
N HIS A 24 -17.70 -25.39 -9.94
CA HIS A 24 -17.92 -26.75 -9.46
C HIS A 24 -17.66 -26.88 -7.97
N HIS A 25 -16.50 -26.38 -7.50
CA HIS A 25 -16.15 -26.53 -6.11
C HIS A 25 -17.01 -25.65 -5.21
N CYS A 26 -17.35 -24.44 -5.68
CA CYS A 26 -18.14 -23.48 -4.91
C CYS A 26 -19.34 -23.07 -5.74
N PRO A 27 -20.46 -23.79 -5.62
CA PRO A 27 -21.64 -23.48 -6.45
C PRO A 27 -22.22 -22.09 -6.22
N THR A 28 -21.79 -21.38 -5.17
CA THR A 28 -22.23 -19.99 -5.00
C THR A 28 -21.69 -19.07 -6.08
N TRP A 29 -20.67 -19.51 -6.82
CA TRP A 29 -20.19 -18.81 -8.01
C TRP A 29 -20.83 -19.42 -9.25
N GLN A 30 -21.16 -18.56 -10.21
CA GLN A 30 -21.78 -18.99 -11.45
C GLN A 30 -21.25 -18.14 -12.60
N TRP A 31 -21.32 -18.70 -13.81
CA TRP A 31 -20.95 -17.96 -15.00
C TRP A 31 -22.04 -16.94 -15.34
N ALA A 32 -21.70 -16.01 -16.23
CA ALA A 32 -22.64 -15.01 -16.70
C ALA A 32 -22.17 -14.46 -18.04
N THR A 33 -23.09 -13.80 -18.74
CA THR A 33 -22.82 -13.19 -20.05
C THR A 33 -22.70 -11.68 -19.96
N GLY A 34 -23.63 -11.03 -19.27
CA GLY A 34 -23.62 -9.58 -19.16
C GLY A 34 -24.40 -8.92 -20.28
N GLU A 35 -24.13 -7.63 -20.48
CA GLU A 35 -24.78 -6.88 -21.55
C GLU A 35 -24.36 -7.43 -22.90
N GLU A 36 -25.29 -7.41 -23.86
CA GLU A 36 -25.03 -7.98 -25.17
C GLU A 36 -23.98 -7.18 -25.94
N LEU A 37 -24.04 -5.85 -25.85
CA LEU A 37 -23.09 -5.01 -26.58
C LEU A 37 -21.69 -5.05 -26.00
N LYS A 38 -21.50 -5.69 -24.84
CA LYS A 38 -20.19 -5.75 -24.19
C LYS A 38 -19.68 -7.19 -24.10
N VAL A 39 -20.14 -8.05 -24.99
CA VAL A 39 -19.68 -9.43 -25.03
C VAL A 39 -18.32 -9.48 -25.73
N LYS A 40 -17.38 -10.21 -25.14
CA LYS A 40 -16.07 -10.42 -25.73
C LYS A 40 -16.06 -11.69 -26.56
N ALA A 41 -15.35 -11.65 -27.69
CA ALA A 41 -15.36 -12.73 -28.67
C ALA A 41 -14.37 -13.84 -28.36
N TYR A 42 -13.36 -13.59 -27.54
CA TYR A 42 -12.38 -14.62 -27.19
C TYR A 42 -12.81 -15.47 -26.01
N LEU A 43 -14.00 -15.24 -25.46
CA LEU A 43 -14.57 -16.05 -24.40
C LEU A 43 -15.95 -16.56 -24.82
N PRO A 44 -16.36 -17.73 -24.33
CA PRO A 44 -17.70 -18.22 -24.63
C PRO A 44 -18.76 -17.22 -24.16
N THR A 45 -19.76 -16.99 -25.02
CA THR A 45 -20.81 -16.03 -24.69
C THR A 45 -21.48 -16.37 -23.36
N GLY A 46 -21.61 -17.66 -23.03
CA GLY A 46 -22.17 -18.05 -21.76
C GLY A 46 -21.21 -17.96 -20.59
N LYS A 47 -19.92 -17.76 -20.84
CA LYS A 47 -18.89 -17.75 -19.79
C LYS A 47 -18.02 -16.50 -19.95
N GLN A 48 -18.61 -15.33 -19.69
CA GLN A 48 -17.89 -14.06 -19.80
C GLN A 48 -17.24 -13.63 -18.49
N PHE A 49 -17.87 -13.92 -17.36
CA PHE A 49 -17.35 -13.56 -16.04
C PHE A 49 -18.12 -14.33 -14.99
N LEU A 50 -17.55 -14.40 -13.79
CA LEU A 50 -18.11 -15.18 -12.69
C LEU A 50 -18.79 -14.27 -11.68
N VAL A 51 -19.92 -14.72 -11.14
CA VAL A 51 -20.74 -13.92 -10.24
C VAL A 51 -21.05 -14.73 -8.99
N THR A 52 -20.99 -14.07 -7.84
CA THR A 52 -21.56 -14.60 -6.61
C THR A 52 -22.28 -13.46 -5.90
N LYS A 53 -23.48 -13.73 -5.41
CA LYS A 53 -24.35 -12.68 -4.91
C LYS A 53 -24.73 -12.93 -3.46
N ASN A 54 -25.07 -11.83 -2.78
CA ASN A 54 -25.54 -11.86 -1.39
C ASN A 54 -24.51 -12.50 -0.47
N VAL A 55 -23.25 -12.12 -0.64
CA VAL A 55 -22.16 -12.57 0.22
C VAL A 55 -22.20 -11.77 1.51
N PRO A 56 -22.32 -12.42 2.66
CA PRO A 56 -22.49 -11.66 3.91
C PRO A 56 -21.21 -10.94 4.32
N CYS A 57 -21.40 -9.77 4.94
CA CYS A 57 -20.31 -8.99 5.50
C CYS A 57 -20.80 -8.49 6.86
N TYR A 58 -20.41 -9.19 7.92
CA TYR A 58 -21.02 -8.95 9.23
C TYR A 58 -20.43 -7.74 9.95
N LYS A 59 -19.13 -7.47 9.77
CA LYS A 59 -18.48 -6.33 10.40
C LYS A 59 -17.64 -5.59 9.37
N ARG A 60 -17.28 -4.36 9.72
CA ARG A 60 -16.49 -3.50 8.85
C ARG A 60 -15.00 -3.79 9.05
N CYS A 61 -14.15 -2.96 8.45
CA CYS A 61 -12.71 -3.07 8.64
C CYS A 61 -12.21 -2.02 9.63
N ILE A 103 -24.84 -6.30 18.54
CA ILE A 103 -25.65 -6.58 17.36
C ILE A 103 -24.82 -6.32 16.09
N LEU A 104 -25.05 -7.13 15.06
CA LEU A 104 -24.35 -6.98 13.80
C LEU A 104 -25.14 -6.10 12.85
N GLN A 105 -24.41 -5.30 12.07
CA GLN A 105 -24.98 -4.53 10.96
C GLN A 105 -24.51 -5.21 9.68
N THR A 106 -25.20 -6.27 9.31
CA THR A 106 -24.77 -7.13 8.22
C THR A 106 -25.01 -6.47 6.87
N ARG A 107 -24.03 -6.60 5.99
CA ARG A 107 -24.14 -6.09 4.64
C ARG A 107 -23.85 -7.21 3.65
N THR A 108 -24.52 -7.17 2.50
CA THR A 108 -24.35 -8.17 1.47
C THR A 108 -23.61 -7.56 0.29
N TYR A 109 -22.84 -8.41 -0.41
CA TYR A 109 -22.00 -7.98 -1.51
C TYR A 109 -22.18 -8.90 -2.71
N ASP A 110 -22.32 -8.30 -3.89
CA ASP A 110 -22.17 -9.03 -5.14
C ASP A 110 -20.73 -8.92 -5.58
N LEU A 111 -20.07 -10.05 -5.79
CA LEU A 111 -18.68 -10.08 -6.24
C LEU A 111 -18.59 -10.67 -7.63
N TYR A 112 -17.69 -10.12 -8.45
CA TYR A 112 -17.51 -10.56 -9.81
C TYR A 112 -16.03 -10.79 -10.10
N ILE A 113 -15.75 -11.72 -11.00
CA ILE A 113 -14.39 -12.00 -11.48
C ILE A 113 -14.40 -11.89 -13.00
N THR A 114 -13.92 -10.78 -13.52
CA THR A 114 -13.81 -10.60 -14.96
C THR A 114 -12.40 -10.94 -15.43
N TYR A 115 -12.26 -11.12 -16.73
CA TYR A 115 -10.97 -11.37 -17.37
C TYR A 115 -10.44 -10.08 -17.95
N ASP A 116 -9.18 -9.76 -17.64
CA ASP A 116 -8.52 -8.55 -18.11
C ASP A 116 -7.49 -8.95 -19.17
N LYS A 117 -7.85 -8.74 -20.45
CA LYS A 117 -6.95 -9.09 -21.55
C LYS A 117 -5.65 -8.30 -21.52
N TYR A 118 -5.66 -7.13 -20.88
CA TYR A 118 -4.46 -6.31 -20.79
C TYR A 118 -3.39 -6.98 -19.94
N TYR A 119 -3.75 -7.42 -18.74
CA TYR A 119 -2.81 -8.06 -17.83
C TYR A 119 -2.82 -9.57 -17.95
N GLN A 120 -3.79 -10.14 -18.66
CA GLN A 120 -3.96 -11.60 -18.75
C GLN A 120 -4.08 -12.22 -17.35
N THR A 121 -4.79 -11.53 -16.48
CA THR A 121 -5.10 -11.98 -15.13
C THR A 121 -6.58 -11.76 -14.87
N PRO A 122 -7.13 -12.43 -13.86
CA PRO A 122 -8.49 -12.09 -13.42
C PRO A 122 -8.53 -10.69 -12.81
N ARG A 123 -9.74 -10.25 -12.50
CA ARG A 123 -9.93 -8.95 -11.86
C ARG A 123 -11.19 -9.03 -11.01
N LEU A 124 -11.05 -8.72 -9.73
CA LEU A 124 -12.15 -8.79 -8.79
C LEU A 124 -12.96 -7.50 -8.80
N TRP A 125 -14.28 -7.65 -8.76
CA TRP A 125 -15.21 -6.53 -8.69
C TRP A 125 -16.24 -6.82 -7.60
N LEU A 126 -16.70 -5.78 -6.93
CA LEU A 126 -17.62 -5.96 -5.81
C LEU A 126 -18.53 -4.75 -5.67
N PHE A 127 -19.78 -5.02 -5.28
CA PHE A 127 -20.79 -4.00 -5.04
C PHE A 127 -21.63 -4.42 -3.85
N GLY A 128 -21.91 -3.48 -2.95
CA GLY A 128 -22.51 -3.81 -1.68
C GLY A 128 -23.86 -3.19 -1.38
N TYR A 129 -24.58 -3.81 -0.45
CA TYR A 129 -25.89 -3.33 0.00
C TYR A 129 -25.93 -3.42 1.52
N ASP A 130 -26.78 -2.59 2.13
CA ASP A 130 -26.92 -2.58 3.58
C ASP A 130 -27.95 -3.63 3.99
N GLU A 131 -28.45 -3.57 5.23
CA GLU A 131 -29.47 -4.52 5.66
C GLU A 131 -30.78 -4.31 4.92
N GLN A 132 -31.10 -3.08 4.55
CA GLN A 132 -32.36 -2.74 3.90
C GLN A 132 -32.30 -2.92 2.38
N ARG A 133 -31.33 -3.70 1.89
CA ARG A 133 -31.19 -4.02 0.46
C ARG A 133 -30.93 -2.78 -0.40
N GLN A 134 -30.57 -1.66 0.22
CA GLN A 134 -30.28 -0.41 -0.47
C GLN A 134 -28.81 -0.35 -0.88
N PRO A 135 -28.52 0.19 -2.06
CA PRO A 135 -27.12 0.24 -2.52
C PRO A 135 -26.29 1.14 -1.61
N LEU A 136 -25.10 0.64 -1.26
CA LEU A 136 -24.19 1.40 -0.43
C LEU A 136 -23.51 2.49 -1.25
N THR A 137 -23.28 3.64 -0.62
CA THR A 137 -22.50 4.69 -1.26
C THR A 137 -21.05 4.24 -1.37
N VAL A 138 -20.26 5.02 -2.13
CA VAL A 138 -18.85 4.69 -2.32
C VAL A 138 -18.11 4.72 -1.00
N GLU A 139 -18.33 5.77 -0.20
CA GLU A 139 -17.64 5.89 1.08
C GLU A 139 -18.02 4.78 2.05
N HIS A 140 -19.20 4.17 1.89
CA HIS A 140 -19.59 3.08 2.76
C HIS A 140 -18.92 1.76 2.39
N MET A 141 -18.70 1.53 1.08
CA MET A 141 -17.98 0.33 0.67
C MET A 141 -16.52 0.37 1.10
N TYR A 142 -15.94 1.56 1.22
CA TYR A 142 -14.57 1.69 1.70
C TYR A 142 -14.45 1.33 3.17
N GLU A 143 -15.56 1.24 3.90
CA GLU A 143 -15.51 0.73 5.26
C GLU A 143 -15.23 -0.76 5.31
N ASP A 144 -15.41 -1.46 4.18
CA ASP A 144 -15.16 -2.90 4.10
C ASP A 144 -13.89 -3.21 3.30
N ILE A 145 -13.10 -2.20 2.97
CA ILE A 145 -11.81 -2.37 2.29
C ILE A 145 -10.72 -2.06 3.30
N SER A 146 -9.74 -2.95 3.40
CA SER A 146 -8.69 -2.78 4.41
C SER A 146 -7.89 -1.51 4.14
N GLN A 147 -7.33 -0.94 5.22
CA GLN A 147 -6.62 0.32 5.13
C GLN A 147 -5.40 0.24 4.21
N ASP A 148 -4.86 -0.95 3.98
CA ASP A 148 -3.67 -1.09 3.15
C ASP A 148 -3.95 -0.84 1.68
N HIS A 149 -5.19 -1.02 1.22
CA HIS A 149 -5.49 -0.99 -0.20
C HIS A 149 -6.56 0.02 -0.58
N VAL A 150 -7.00 0.87 0.34
CA VAL A 150 -8.10 1.79 0.06
C VAL A 150 -7.72 2.76 -1.05
N LYS A 151 -6.47 3.23 -1.06
CA LYS A 151 -6.02 4.19 -2.07
C LYS A 151 -4.94 3.63 -2.98
N LYS A 152 -4.50 2.39 -2.76
CA LYS A 152 -3.42 1.81 -3.55
C LYS A 152 -3.92 0.96 -4.71
N THR A 153 -4.77 -0.03 -4.42
CA THR A 153 -5.12 -1.04 -5.42
C THR A 153 -6.62 -1.14 -5.69
N VAL A 154 -7.42 -0.17 -5.23
CA VAL A 154 -8.86 -0.21 -5.43
C VAL A 154 -9.28 1.02 -6.22
N THR A 155 -10.06 0.80 -7.27
CA THR A 155 -10.61 1.85 -8.12
C THR A 155 -12.13 1.73 -8.17
N ILE A 156 -12.77 2.78 -8.66
CA ILE A 156 -14.22 2.83 -8.81
C ILE A 156 -14.50 3.06 -10.29
N GLU A 157 -14.73 1.97 -11.02
CA GLU A 157 -14.97 2.03 -12.45
C GLU A 157 -16.22 1.23 -12.79
N ASN A 158 -16.68 1.38 -14.03
CA ASN A 158 -17.81 0.59 -14.50
C ASN A 158 -17.40 -0.86 -14.73
N HIS A 159 -18.27 -1.78 -14.34
CA HIS A 159 -18.06 -3.18 -14.67
C HIS A 159 -17.98 -3.34 -16.18
N PRO A 160 -16.96 -4.02 -16.71
CA PRO A 160 -16.80 -4.11 -18.17
C PRO A 160 -17.91 -4.86 -18.90
N HIS A 161 -18.90 -5.41 -18.18
CA HIS A 161 -19.99 -6.15 -18.80
C HIS A 161 -21.36 -5.72 -18.31
N LEU A 162 -21.45 -4.68 -17.50
CA LEU A 162 -22.70 -4.30 -16.85
C LEU A 162 -22.85 -2.79 -16.88
N PRO A 163 -24.09 -2.29 -16.80
CA PRO A 163 -24.32 -0.85 -16.83
C PRO A 163 -23.92 -0.21 -15.51
N PRO A 164 -23.91 1.12 -15.45
CA PRO A 164 -23.70 1.81 -14.16
C PRO A 164 -24.77 1.43 -13.16
N PRO A 165 -24.57 1.73 -11.85
CA PRO A 165 -23.53 2.51 -11.20
C PRO A 165 -22.18 1.80 -11.11
N PRO A 166 -21.09 2.57 -11.08
CA PRO A 166 -19.77 1.95 -10.97
C PRO A 166 -19.61 1.13 -9.70
N MET A 167 -18.61 0.26 -9.72
CA MET A 167 -18.35 -0.68 -8.63
C MET A 167 -16.88 -0.59 -8.23
N CYS A 168 -16.57 -1.16 -7.06
CA CYS A 168 -15.19 -1.25 -6.62
C CYS A 168 -14.48 -2.36 -7.38
N SER A 169 -13.16 -2.23 -7.51
CA SER A 169 -12.38 -3.20 -8.26
C SER A 169 -10.95 -3.21 -7.74
N VAL A 170 -10.48 -4.40 -7.37
CA VAL A 170 -9.07 -4.58 -7.04
C VAL A 170 -8.27 -4.59 -8.33
N HIS A 171 -7.27 -3.71 -8.42
CA HIS A 171 -6.52 -3.55 -9.66
C HIS A 171 -5.53 -4.69 -9.83
N PRO A 172 -5.49 -5.34 -10.99
CA PRO A 172 -4.62 -6.52 -11.16
C PRO A 172 -3.21 -6.20 -11.57
N LYS A 173 -2.76 -4.98 -11.27
CA LYS A 173 -1.44 -4.51 -11.71
C LYS A 173 -0.33 -5.43 -11.24
N ARG A 174 -0.41 -5.92 -9.99
CA ARG A 174 0.63 -6.73 -9.39
C ARG A 174 0.26 -8.20 -9.25
N HIS A 175 -0.87 -8.62 -9.84
CA HIS A 175 -1.35 -9.98 -9.59
C HIS A 175 -0.45 -11.04 -10.21
N ALA A 176 -0.01 -10.82 -11.45
CA ALA A 176 0.83 -11.81 -12.11
C ALA A 176 2.13 -12.03 -11.33
N GLU A 177 2.73 -10.95 -10.82
CA GLU A 177 3.98 -11.06 -10.06
C GLU A 177 3.79 -11.89 -8.80
N VAL A 178 2.62 -11.82 -8.16
CA VAL A 178 2.41 -12.56 -6.92
C VAL A 178 2.03 -14.00 -7.21
N MET A 179 1.13 -14.22 -8.17
CA MET A 179 0.76 -15.59 -8.53
C MET A 179 1.96 -16.36 -9.07
N LYS A 180 2.87 -15.68 -9.77
CA LYS A 180 4.07 -16.35 -10.26
C LYS A 180 4.93 -16.85 -9.10
N LYS A 181 5.09 -16.03 -8.07
CA LYS A 181 5.85 -16.46 -6.90
C LYS A 181 5.17 -17.63 -6.19
N ILE A 182 3.83 -17.67 -6.21
CA ILE A 182 3.11 -18.74 -5.51
C ILE A 182 3.25 -20.05 -6.26
N ILE A 183 3.07 -20.03 -7.59
CA ILE A 183 3.19 -21.23 -8.39
C ILE A 183 4.57 -21.87 -8.22
N GLU A 184 5.62 -21.05 -8.23
CA GLU A 184 6.96 -21.58 -8.06
C GLU A 184 7.18 -22.09 -6.64
N THR A 185 6.46 -21.52 -5.66
CA THR A 185 6.63 -21.96 -4.28
C THR A 185 6.03 -23.34 -4.07
N VAL A 186 4.84 -23.60 -4.63
CA VAL A 186 4.24 -24.92 -4.48
C VAL A 186 5.01 -25.96 -5.28
N ALA A 187 5.70 -25.53 -6.34
CA ALA A 187 6.56 -26.45 -7.07
C ALA A 187 7.81 -26.76 -6.27
N GLU A 188 8.39 -25.76 -5.62
CA GLU A 188 9.54 -26.01 -4.74
C GLU A 188 9.15 -26.88 -3.56
N GLY A 189 7.90 -26.79 -3.10
CA GLY A 189 7.40 -27.60 -2.02
C GLY A 189 7.05 -29.03 -2.38
N GLY A 190 7.24 -29.43 -3.64
CA GLY A 190 6.93 -30.76 -4.08
C GLY A 190 5.55 -30.93 -4.69
N GLY A 191 4.72 -29.89 -4.69
CA GLY A 191 3.40 -29.95 -5.28
C GLY A 191 3.35 -29.26 -6.64
N GLU A 192 2.13 -29.02 -7.10
CA GLU A 192 1.92 -28.34 -8.37
C GLU A 192 0.61 -27.57 -8.31
N LEU A 193 0.63 -26.31 -8.73
CA LEU A 193 -0.56 -25.49 -8.80
C LEU A 193 -1.15 -25.63 -10.21
N GLY A 194 -2.21 -26.42 -10.33
CA GLY A 194 -2.82 -26.66 -11.61
C GLY A 194 -3.58 -25.44 -12.12
N VAL A 195 -3.91 -25.50 -13.42
CA VAL A 195 -4.64 -24.41 -14.05
C VAL A 195 -6.02 -24.25 -13.44
N HIS A 196 -6.64 -25.35 -13.02
CA HIS A 196 -8.01 -25.30 -12.51
C HIS A 196 -8.09 -24.52 -11.21
N MET A 197 -7.06 -24.60 -10.36
CA MET A 197 -7.09 -23.98 -9.05
C MET A 197 -6.43 -22.60 -9.03
N TYR A 198 -6.38 -21.93 -10.17
CA TYR A 198 -5.79 -20.59 -10.21
C TYR A 198 -6.69 -19.58 -9.49
N LEU A 199 -7.99 -19.58 -9.80
CA LEU A 199 -8.90 -18.64 -9.16
C LEU A 199 -9.12 -18.96 -7.69
N LEU A 200 -9.07 -20.24 -7.31
CA LEU A 200 -9.18 -20.60 -5.90
C LEU A 200 -8.05 -19.98 -5.10
N ILE A 201 -6.82 -20.06 -5.61
CA ILE A 201 -5.68 -19.47 -4.92
C ILE A 201 -5.72 -17.94 -5.03
N PHE A 202 -6.21 -17.43 -6.16
CA PHE A 202 -6.35 -15.98 -6.31
C PHE A 202 -7.32 -15.42 -5.28
N LEU A 203 -8.49 -16.05 -5.14
CA LEU A 203 -9.46 -15.59 -4.14
C LEU A 203 -8.92 -15.72 -2.73
N LYS A 204 -8.06 -16.72 -2.48
CA LYS A 204 -7.51 -16.91 -1.15
C LYS A 204 -6.63 -15.74 -0.73
N PHE A 205 -5.92 -15.12 -1.67
CA PHE A 205 -4.96 -14.07 -1.34
C PHE A 205 -5.55 -12.67 -1.42
N VAL A 206 -6.53 -12.42 -2.30
CA VAL A 206 -7.16 -11.10 -2.33
C VAL A 206 -8.05 -10.88 -1.12
N GLN A 207 -8.31 -11.93 -0.33
CA GLN A 207 -9.05 -11.77 0.91
C GLN A 207 -8.44 -10.68 1.80
N ALA A 208 -7.13 -10.46 1.69
CA ALA A 208 -6.51 -9.41 2.49
C ALA A 208 -7.06 -8.03 2.14
N VAL A 209 -7.54 -7.85 0.92
CA VAL A 209 -8.10 -6.57 0.52
C VAL A 209 -9.46 -6.35 1.15
N ILE A 210 -10.26 -7.42 1.25
CA ILE A 210 -11.61 -7.34 1.80
C ILE A 210 -11.78 -8.43 2.85
N PRO A 211 -11.12 -8.32 4.01
CA PRO A 211 -11.09 -9.45 4.96
C PRO A 211 -12.41 -9.74 5.65
N THR A 212 -13.43 -8.90 5.50
CA THR A 212 -14.72 -9.14 6.15
C THR A 212 -15.82 -9.55 5.18
N ILE A 213 -15.53 -9.58 3.89
CA ILE A 213 -16.48 -10.06 2.89
C ILE A 213 -16.26 -11.56 2.74
N GLU A 214 -17.25 -12.35 3.15
CA GLU A 214 -17.06 -13.79 3.37
C GLU A 214 -17.54 -14.58 2.16
N TYR A 215 -16.81 -14.42 1.06
CA TYR A 215 -17.08 -15.20 -0.13
C TYR A 215 -16.45 -16.58 -0.02
N ASP A 216 -16.92 -17.50 -0.85
CA ASP A 216 -16.52 -18.90 -0.78
C ASP A 216 -15.39 -19.21 -1.75
N TYR A 217 -14.42 -20.03 -1.27
CA TYR A 217 -13.39 -20.57 -2.15
C TYR A 217 -12.80 -21.85 -1.59
N THR A 218 -13.52 -22.58 -0.74
CA THR A 218 -13.01 -23.81 -0.15
C THR A 218 -14.17 -24.62 0.41
N ARG A 219 -13.86 -25.81 0.87
CA ARG A 219 -14.81 -26.72 1.51
C ARG A 219 -16.06 -26.96 0.67
N LYS B 3 5.61 -29.76 9.22
CA LYS B 3 4.72 -28.62 9.45
C LYS B 3 5.22 -27.79 10.62
N PHE B 4 4.47 -26.74 10.96
CA PHE B 4 4.87 -25.77 11.97
C PHE B 4 4.00 -25.93 13.21
N LYS B 5 4.50 -25.39 14.33
CA LYS B 5 3.70 -25.35 15.56
C LYS B 5 2.39 -24.61 15.32
N GLU B 6 2.47 -23.40 14.76
CA GLU B 6 1.31 -22.62 14.36
C GLU B 6 1.55 -22.14 12.94
N THR B 7 0.66 -22.51 12.03
CA THR B 7 0.86 -22.22 10.61
C THR B 7 0.89 -20.71 10.39
N GLY B 8 2.03 -20.21 9.92
CA GLY B 8 2.17 -18.81 9.61
C GLY B 8 3.27 -18.10 10.38
N VAL B 9 3.36 -18.38 11.68
CA VAL B 9 4.40 -17.79 12.52
C VAL B 9 5.57 -18.76 12.62
N ILE B 10 6.59 -18.38 13.40
CA ILE B 10 7.81 -19.16 13.53
C ILE B 10 8.28 -19.09 14.98
N THR B 11 8.79 -20.20 15.48
CA THR B 11 9.33 -20.30 16.83
C THR B 11 10.85 -20.22 16.78
N PRO B 12 11.49 -19.82 17.89
CA PRO B 12 12.95 -19.69 17.90
C PRO B 12 13.67 -20.94 17.38
N GLU B 13 13.22 -22.13 17.77
CA GLU B 13 13.81 -23.36 17.23
C GLU B 13 13.57 -23.47 15.73
N GLU B 14 12.35 -23.16 15.28
CA GLU B 14 12.07 -23.16 13.85
C GLU B 14 12.83 -22.05 13.14
N PHE B 15 13.17 -20.98 13.86
CA PHE B 15 13.94 -19.90 13.26
C PHE B 15 15.37 -20.33 13.00
N VAL B 16 15.97 -21.07 13.93
CA VAL B 16 17.34 -21.55 13.74
C VAL B 16 17.39 -22.57 12.61
N ALA B 17 16.44 -23.50 12.59
CA ALA B 17 16.43 -24.53 11.56
C ALA B 17 16.29 -23.91 10.16
N ALA B 18 15.39 -22.93 10.01
CA ALA B 18 15.27 -22.25 8.72
C ALA B 18 16.48 -21.38 8.44
N GLY B 19 17.12 -20.85 9.48
CA GLY B 19 18.35 -20.09 9.27
C GLY B 19 19.53 -20.97 8.93
N ASP B 20 19.63 -22.13 9.58
CA ASP B 20 20.67 -23.09 9.23
C ASP B 20 20.57 -23.50 7.76
N HIS B 21 19.36 -23.77 7.29
CA HIS B 21 19.18 -24.14 5.90
C HIS B 21 19.47 -22.97 4.97
N LEU B 22 19.18 -21.74 5.41
CA LEU B 22 19.49 -20.57 4.62
C LEU B 22 21.00 -20.41 4.42
N VAL B 23 21.77 -20.56 5.50
CA VAL B 23 23.22 -20.44 5.40
C VAL B 23 23.79 -21.58 4.57
N HIS B 24 23.23 -22.79 4.72
CA HIS B 24 23.69 -23.92 3.93
C HIS B 24 23.34 -23.75 2.45
N HIS B 25 22.14 -23.26 2.16
CA HIS B 25 21.71 -23.08 0.78
C HIS B 25 22.34 -21.83 0.15
N CYS B 26 22.52 -20.78 0.94
CA CYS B 26 23.09 -19.51 0.46
C CYS B 26 24.19 -19.07 1.42
N PRO B 27 25.44 -19.46 1.15
CA PRO B 27 26.54 -19.10 2.05
C PRO B 27 26.81 -17.61 2.16
N THR B 28 26.23 -16.78 1.28
CA THR B 28 26.36 -15.34 1.46
C THR B 28 25.68 -14.86 2.73
N TRP B 29 24.74 -15.62 3.25
CA TRP B 29 24.17 -15.37 4.56
C TRP B 29 24.94 -16.14 5.62
N GLN B 30 25.14 -15.51 6.78
CA GLN B 30 25.86 -16.13 7.88
C GLN B 30 25.18 -15.75 9.18
N TRP B 31 25.40 -16.56 10.21
CA TRP B 31 24.94 -16.21 11.54
C TRP B 31 25.82 -15.13 12.14
N ALA B 32 25.31 -14.48 13.19
CA ALA B 32 26.04 -13.45 13.89
C ALA B 32 25.43 -13.29 15.28
N THR B 33 26.27 -12.89 16.24
CA THR B 33 25.80 -12.68 17.60
C THR B 33 25.34 -11.25 17.85
N GLY B 34 26.07 -10.27 17.32
CA GLY B 34 25.75 -8.88 17.58
C GLY B 34 26.43 -8.37 18.84
N GLU B 35 25.95 -7.23 19.31
CA GLU B 35 26.49 -6.66 20.54
C GLU B 35 26.25 -7.60 21.72
N GLU B 36 27.05 -7.39 22.76
CA GLU B 36 27.12 -8.37 23.85
C GLU B 36 25.91 -8.28 24.78
N LEU B 37 25.56 -7.08 25.21
CA LEU B 37 24.44 -6.89 26.13
C LEU B 37 23.08 -6.92 25.44
N LYS B 38 23.02 -7.39 24.19
CA LYS B 38 21.77 -7.42 23.43
C LYS B 38 21.50 -8.81 22.87
N VAL B 39 21.96 -9.85 23.57
CA VAL B 39 21.78 -11.23 23.12
C VAL B 39 20.50 -11.78 23.74
N LYS B 40 19.62 -12.31 22.90
CA LYS B 40 18.40 -12.94 23.37
C LYS B 40 18.68 -14.37 23.84
N ALA B 41 18.21 -14.69 25.04
CA ALA B 41 18.54 -15.96 25.65
C ALA B 41 17.84 -17.15 24.99
N TYR B 42 16.71 -16.92 24.32
CA TYR B 42 15.95 -18.00 23.70
C TYR B 42 16.50 -18.41 22.34
N LEU B 43 17.63 -17.85 21.94
CA LEU B 43 18.35 -18.23 20.72
C LEU B 43 19.80 -18.49 21.08
N PRO B 44 20.46 -19.39 20.35
CA PRO B 44 21.88 -19.64 20.62
C PRO B 44 22.69 -18.37 20.51
N THR B 45 23.63 -18.19 21.45
CA THR B 45 24.43 -16.98 21.47
C THR B 45 25.18 -16.78 20.16
N GLY B 46 25.55 -17.87 19.49
CA GLY B 46 26.19 -17.79 18.19
C GLY B 46 25.27 -17.75 17.01
N LYS B 47 23.95 -17.82 17.22
CA LYS B 47 22.96 -17.78 16.15
C LYS B 47 21.84 -16.82 16.52
N GLN B 48 22.21 -15.54 16.69
CA GLN B 48 21.21 -14.53 17.03
C GLN B 48 20.43 -14.08 15.80
N PHE B 49 21.14 -13.71 14.74
CA PHE B 49 20.50 -13.22 13.52
C PHE B 49 21.38 -13.56 12.33
N LEU B 50 20.83 -13.36 11.14
CA LEU B 50 21.51 -13.65 9.90
C LEU B 50 21.96 -12.37 9.22
N VAL B 51 22.97 -12.49 8.36
CA VAL B 51 23.55 -11.31 7.72
C VAL B 51 24.21 -11.68 6.40
N THR B 52 23.92 -10.90 5.36
CA THR B 52 24.66 -10.93 4.11
C THR B 52 25.11 -9.50 3.82
N LYS B 53 26.30 -9.35 3.25
CA LYS B 53 26.89 -8.02 3.09
C LYS B 53 27.35 -7.81 1.66
N ASN B 54 27.50 -6.53 1.30
CA ASN B 54 27.95 -6.10 -0.02
C ASN B 54 27.03 -6.64 -1.12
N VAL B 55 25.73 -6.60 -0.86
CA VAL B 55 24.74 -7.07 -1.82
C VAL B 55 24.57 -6.02 -2.91
N PRO B 56 24.78 -6.35 -4.18
CA PRO B 56 24.76 -5.33 -5.23
C PRO B 56 23.37 -4.79 -5.49
N CYS B 57 23.34 -3.52 -5.92
CA CYS B 57 22.10 -2.83 -6.31
C CYS B 57 22.45 -1.97 -7.50
N TYR B 58 22.13 -2.45 -8.71
CA TYR B 58 22.64 -1.81 -9.93
C TYR B 58 21.79 -0.61 -10.35
N LYS B 59 20.49 -0.62 -10.03
CA LYS B 59 19.62 0.47 -10.43
C LYS B 59 18.62 0.74 -9.32
N ARG B 60 18.07 1.95 -9.34
CA ARG B 60 17.11 2.39 -8.34
C ARG B 60 15.72 1.87 -8.71
N CYS B 61 14.70 2.31 -7.98
CA CYS B 61 13.32 1.98 -8.28
C CYS B 61 12.67 3.12 -9.07
N ILE B 103 27.42 4.44 -16.61
CA ILE B 103 26.04 4.18 -16.98
C ILE B 103 25.27 3.62 -15.78
N LEU B 104 25.92 2.74 -15.02
CA LEU B 104 25.31 2.11 -13.85
C LEU B 104 25.91 2.71 -12.58
N GLN B 105 25.04 3.23 -11.71
CA GLN B 105 25.46 3.79 -10.42
C GLN B 105 25.20 2.74 -9.35
N THR B 106 26.12 1.78 -9.26
CA THR B 106 25.90 0.63 -8.41
C THR B 106 26.03 0.99 -6.94
N ARG B 107 25.15 0.41 -6.12
CA ARG B 107 25.21 0.52 -4.67
C ARG B 107 25.40 -0.86 -4.08
N THR B 108 25.81 -0.90 -2.81
CA THR B 108 25.92 -2.13 -2.06
C THR B 108 25.11 -2.01 -0.78
N TYR B 109 24.45 -3.11 -0.39
CA TYR B 109 23.62 -3.12 0.80
C TYR B 109 24.03 -4.24 1.73
N ASP B 110 24.08 -3.94 3.03
CA ASP B 110 24.12 -4.95 4.06
C ASP B 110 22.69 -5.25 4.48
N LEU B 111 22.36 -6.54 4.59
CA LEU B 111 21.02 -6.94 4.99
C LEU B 111 21.09 -7.86 6.20
N TYR B 112 20.08 -7.79 7.05
CA TYR B 112 20.01 -8.59 8.26
C TYR B 112 18.60 -9.16 8.42
N ILE B 113 18.53 -10.34 9.03
CA ILE B 113 17.25 -10.98 9.36
C ILE B 113 17.27 -11.24 10.86
N THR B 114 16.54 -10.42 11.61
CA THR B 114 16.42 -10.60 13.05
C THR B 114 15.12 -11.32 13.39
N TYR B 115 15.07 -11.83 14.62
CA TYR B 115 13.86 -12.48 15.13
C TYR B 115 13.06 -11.46 15.94
N ASP B 116 11.77 -11.38 15.68
CA ASP B 116 10.88 -10.45 16.36
C ASP B 116 9.89 -11.30 17.17
N LYS B 117 10.17 -11.44 18.47
CA LYS B 117 9.34 -12.27 19.33
C LYS B 117 7.93 -11.72 19.48
N TYR B 118 7.75 -10.41 19.28
CA TYR B 118 6.42 -9.82 19.34
C TYR B 118 5.48 -10.47 18.33
N TYR B 119 5.90 -10.53 17.06
CA TYR B 119 5.08 -11.10 16.00
C TYR B 119 5.40 -12.56 15.72
N GLN B 120 6.49 -13.08 16.29
CA GLN B 120 6.97 -14.45 16.03
C GLN B 120 7.25 -14.66 14.55
N THR B 121 7.81 -13.65 13.91
CA THR B 121 8.20 -13.67 12.51
C THR B 121 9.61 -13.10 12.38
N PRO B 122 10.31 -13.40 11.30
CA PRO B 122 11.57 -12.71 11.03
C PRO B 122 11.31 -11.26 10.64
N ARG B 123 12.35 -10.44 10.73
CA ARG B 123 12.26 -9.04 10.35
C ARG B 123 13.49 -8.66 9.55
N LEU B 124 13.27 -8.10 8.37
CA LEU B 124 14.36 -7.74 7.47
C LEU B 124 14.86 -6.32 7.75
N TRP B 125 16.17 -6.16 7.77
CA TRP B 125 16.82 -4.87 7.94
C TRP B 125 17.85 -4.68 6.83
N LEU B 126 18.10 -3.42 6.46
CA LEU B 126 19.03 -3.16 5.37
C LEU B 126 19.67 -1.79 5.53
N PHE B 127 20.94 -1.70 5.10
CA PHE B 127 21.72 -0.48 5.13
C PHE B 127 22.63 -0.46 3.92
N GLY B 128 22.75 0.70 3.26
CA GLY B 128 23.36 0.77 1.95
C GLY B 128 24.50 1.76 1.87
N TYR B 129 25.30 1.60 0.82
CA TYR B 129 26.45 2.45 0.53
C TYR B 129 26.50 2.73 -0.96
N ASP B 130 27.08 3.87 -1.33
CA ASP B 130 27.20 4.24 -2.74
C ASP B 130 28.48 3.64 -3.32
N GLU B 131 28.87 4.12 -4.50
CA GLU B 131 30.06 3.58 -5.15
C GLU B 131 31.33 3.84 -4.35
N GLN B 132 31.38 4.95 -3.62
CA GLN B 132 32.56 5.34 -2.87
C GLN B 132 32.57 4.78 -1.45
N ARG B 133 31.80 3.73 -1.19
CA ARG B 133 31.69 3.10 0.13
C ARG B 133 31.18 4.06 1.19
N GLN B 134 30.60 5.19 0.78
CA GLN B 134 30.08 6.13 1.76
C GLN B 134 28.63 5.78 2.12
N PRO B 135 28.28 5.87 3.39
CA PRO B 135 26.91 5.51 3.80
C PRO B 135 25.87 6.36 3.11
N LEU B 136 24.78 5.72 2.70
CA LEU B 136 23.68 6.41 2.04
C LEU B 136 22.83 7.16 3.04
N THR B 137 22.42 8.37 2.67
CA THR B 137 21.48 9.12 3.49
C THR B 137 20.13 8.39 3.53
N VAL B 138 19.29 8.80 4.48
CA VAL B 138 18.01 8.12 4.67
C VAL B 138 17.14 8.27 3.42
N GLU B 139 17.14 9.47 2.82
CA GLU B 139 16.35 9.69 1.61
C GLU B 139 16.93 9.01 0.39
N HIS B 140 18.19 8.57 0.45
CA HIS B 140 18.80 7.87 -0.67
C HIS B 140 18.42 6.39 -0.70
N MET B 141 18.24 5.76 0.46
CA MET B 141 17.81 4.37 0.48
C MET B 141 16.36 4.24 0.04
N TYR B 142 15.55 5.29 0.22
CA TYR B 142 14.19 5.26 -0.27
C TYR B 142 14.12 5.16 -1.79
N GLU B 143 15.19 5.53 -2.49
CA GLU B 143 15.23 5.33 -3.94
C GLU B 143 15.26 3.86 -4.32
N ASP B 144 15.68 2.99 -3.40
CA ASP B 144 15.76 1.55 -3.66
C ASP B 144 14.62 0.78 -3.02
N ILE B 145 13.61 1.47 -2.49
CA ILE B 145 12.44 0.84 -1.89
C ILE B 145 11.25 1.07 -2.82
N SER B 146 10.49 0.01 -3.07
CA SER B 146 9.37 0.08 -4.00
C SER B 146 8.35 1.11 -3.55
N GLN B 147 7.72 1.77 -4.53
CA GLN B 147 6.78 2.85 -4.24
C GLN B 147 5.61 2.37 -3.39
N ASP B 148 5.24 1.10 -3.50
CA ASP B 148 4.10 0.58 -2.74
C ASP B 148 4.36 0.53 -1.24
N HIS B 149 5.64 0.50 -0.83
CA HIS B 149 5.97 0.26 0.57
C HIS B 149 6.83 1.34 1.20
N VAL B 150 7.12 2.44 0.49
CA VAL B 150 8.05 3.44 1.00
C VAL B 150 7.52 4.06 2.29
N LYS B 151 6.23 4.39 2.33
CA LYS B 151 5.66 5.15 3.43
C LYS B 151 4.68 4.35 4.27
N LYS B 152 4.66 3.02 4.12
CA LYS B 152 3.68 2.23 4.85
C LYS B 152 4.32 1.10 5.67
N THR B 153 5.22 0.33 5.05
CA THR B 153 5.80 -0.82 5.73
C THR B 153 7.31 -0.70 5.97
N VAL B 154 7.89 0.48 5.76
CA VAL B 154 9.31 0.70 5.97
C VAL B 154 9.49 1.79 7.02
N THR B 155 10.32 1.50 8.03
CA THR B 155 10.61 2.44 9.10
C THR B 155 12.12 2.58 9.26
N ILE B 156 12.53 3.61 9.99
CA ILE B 156 13.93 3.86 10.29
C ILE B 156 14.12 3.65 11.78
N GLU B 157 14.68 2.50 12.16
CA GLU B 157 14.88 2.16 13.55
C GLU B 157 16.26 1.55 13.75
N ASN B 158 16.72 1.60 15.00
CA ASN B 158 18.00 0.98 15.34
C ASN B 158 17.93 -0.52 15.20
N HIS B 159 18.99 -1.12 14.68
CA HIS B 159 19.09 -2.56 14.64
C HIS B 159 19.10 -3.10 16.07
N PRO B 160 18.28 -4.11 16.39
CA PRO B 160 18.17 -4.56 17.80
C PRO B 160 19.45 -5.16 18.36
N HIS B 161 20.44 -5.49 17.52
CA HIS B 161 21.68 -6.11 17.99
C HIS B 161 22.92 -5.32 17.56
N LEU B 162 22.75 -4.09 17.10
CA LEU B 162 23.86 -3.29 16.62
C LEU B 162 23.67 -1.83 17.02
N PRO B 163 24.75 -1.06 17.10
CA PRO B 163 24.64 0.34 17.52
C PRO B 163 24.13 1.20 16.37
N PRO B 164 23.85 2.49 16.63
CA PRO B 164 23.47 3.40 15.53
C PRO B 164 24.53 3.45 14.45
N PRO B 165 24.21 3.98 13.27
CA PRO B 165 22.97 4.63 12.82
C PRO B 165 21.76 3.70 12.71
N PRO B 166 20.56 4.27 12.72
CA PRO B 166 19.38 3.46 12.42
C PRO B 166 19.38 2.99 10.98
N MET B 167 18.60 1.94 10.74
CA MET B 167 18.54 1.29 9.44
C MET B 167 17.09 1.24 8.97
N CYS B 168 16.92 0.95 7.69
CA CYS B 168 15.59 0.68 7.17
C CYS B 168 15.15 -0.71 7.59
N SER B 169 13.85 -0.86 7.80
CA SER B 169 13.32 -2.16 8.20
C SER B 169 11.94 -2.35 7.59
N VAL B 170 11.70 -3.54 7.07
CA VAL B 170 10.36 -3.92 6.62
C VAL B 170 9.58 -4.40 7.84
N HIS B 171 8.48 -3.74 8.14
CA HIS B 171 7.73 -4.05 9.35
C HIS B 171 6.98 -5.38 9.18
N PRO B 172 7.06 -6.29 10.14
CA PRO B 172 6.50 -7.63 9.94
C PRO B 172 5.05 -7.78 10.39
N LYS B 173 4.26 -6.70 10.29
CA LYS B 173 2.91 -6.73 10.83
C LYS B 173 2.03 -7.72 10.07
N ARG B 174 2.16 -7.77 8.75
CA ARG B 174 1.34 -8.63 7.91
C ARG B 174 2.06 -9.89 7.47
N HIS B 175 3.23 -10.19 8.04
CA HIS B 175 4.04 -11.30 7.53
C HIS B 175 3.37 -12.64 7.78
N ALA B 176 2.92 -12.87 9.02
CA ALA B 176 2.38 -14.18 9.38
C ALA B 176 1.14 -14.51 8.55
N GLU B 177 0.28 -13.53 8.31
CA GLU B 177 -0.90 -13.75 7.48
C GLU B 177 -0.52 -14.24 6.10
N VAL B 178 0.52 -13.66 5.50
CA VAL B 178 0.90 -14.06 4.14
C VAL B 178 1.56 -15.43 4.15
N MET B 179 2.48 -15.66 5.11
CA MET B 179 3.16 -16.95 5.18
C MET B 179 2.18 -18.08 5.45
N LYS B 180 1.15 -17.83 6.26
CA LYS B 180 0.14 -18.86 6.51
C LYS B 180 -0.58 -19.23 5.22
N LYS B 181 -0.96 -18.24 4.42
CA LYS B 181 -1.62 -18.52 3.15
C LYS B 181 -0.70 -19.26 2.18
N ILE B 182 0.60 -18.98 2.21
CA ILE B 182 1.52 -19.65 1.31
C ILE B 182 1.71 -21.11 1.72
N ILE B 183 1.84 -21.37 3.03
CA ILE B 183 2.04 -22.72 3.52
C ILE B 183 0.85 -23.60 3.17
N GLU B 184 -0.36 -23.10 3.38
CA GLU B 184 -1.55 -23.89 3.05
C GLU B 184 -1.68 -24.10 1.55
N THR B 185 -1.28 -23.12 0.75
CA THR B 185 -1.37 -23.26 -0.70
C THR B 185 -0.45 -24.37 -1.22
N VAL B 186 0.76 -24.47 -0.65
CA VAL B 186 1.64 -25.57 -1.00
C VAL B 186 1.03 -26.90 -0.58
N ALA B 187 0.34 -26.91 0.56
CA ALA B 187 -0.33 -28.13 1.00
C ALA B 187 -1.48 -28.49 0.06
N GLU B 188 -2.27 -27.50 -0.37
CA GLU B 188 -3.38 -27.77 -1.27
C GLU B 188 -2.90 -28.23 -2.64
N GLY B 189 -1.76 -27.71 -3.11
CA GLY B 189 -1.21 -28.09 -4.39
C GLY B 189 -0.53 -29.44 -4.44
N GLY B 190 -0.65 -30.25 -3.39
CA GLY B 190 -0.06 -31.57 -3.37
C GLY B 190 1.34 -31.63 -2.79
N GLY B 191 1.86 -30.53 -2.26
CA GLY B 191 3.20 -30.52 -1.69
C GLY B 191 3.20 -30.16 -0.23
N GLU B 192 4.38 -29.78 0.29
CA GLU B 192 4.52 -29.38 1.68
C GLU B 192 5.67 -28.40 1.81
N LEU B 193 5.43 -27.29 2.49
CA LEU B 193 6.46 -26.31 2.79
C LEU B 193 7.02 -26.62 4.17
N GLY B 194 8.24 -27.17 4.20
CA GLY B 194 8.85 -27.56 5.46
C GLY B 194 9.29 -26.39 6.30
N VAL B 195 9.77 -26.71 7.50
CA VAL B 195 10.26 -25.69 8.41
C VAL B 195 11.54 -25.05 7.88
N HIS B 196 12.39 -25.86 7.23
CA HIS B 196 13.70 -25.38 6.78
C HIS B 196 13.57 -24.29 5.73
N MET B 197 12.62 -24.43 4.80
CA MET B 197 12.47 -23.49 3.70
C MET B 197 11.56 -22.31 4.03
N TYR B 198 11.48 -21.93 5.31
CA TYR B 198 10.63 -20.80 5.68
C TYR B 198 11.25 -19.48 5.24
N LEU B 199 12.51 -19.26 5.61
CA LEU B 199 13.17 -18.00 5.27
C LEU B 199 13.43 -17.87 3.78
N LEU B 200 13.66 -18.99 3.09
CA LEU B 200 13.77 -18.92 1.63
C LEU B 200 12.50 -18.38 1.01
N ILE B 201 11.34 -18.82 1.50
CA ILE B 201 10.08 -18.29 0.98
C ILE B 201 9.85 -16.87 1.47
N PHE B 202 10.32 -16.55 2.68
CA PHE B 202 10.17 -15.18 3.18
C PHE B 202 10.98 -14.20 2.33
N LEU B 203 12.24 -14.53 2.06
CA LEU B 203 13.06 -13.65 1.22
C LEU B 203 12.54 -13.59 -0.21
N LYS B 204 11.90 -14.66 -0.68
CA LYS B 204 11.37 -14.67 -2.04
C LYS B 204 10.26 -13.63 -2.20
N PHE B 205 9.37 -13.52 -1.21
CA PHE B 205 8.22 -12.64 -1.29
C PHE B 205 8.51 -11.23 -0.83
N VAL B 206 9.39 -11.05 0.16
CA VAL B 206 9.77 -9.71 0.60
C VAL B 206 10.57 -8.97 -0.45
N GLN B 207 11.01 -9.67 -1.51
CA GLN B 207 11.74 -9.04 -2.60
C GLN B 207 10.94 -7.89 -3.22
N ALA B 208 9.61 -7.97 -3.19
CA ALA B 208 8.80 -6.91 -3.78
C ALA B 208 9.05 -5.57 -3.12
N VAL B 209 9.46 -5.57 -1.85
CA VAL B 209 9.73 -4.31 -1.17
C VAL B 209 11.01 -3.66 -1.71
N ILE B 210 12.01 -4.49 -2.01
CA ILE B 210 13.29 -3.99 -2.52
C ILE B 210 13.64 -4.75 -3.80
N PRO B 211 12.93 -4.50 -4.89
CA PRO B 211 13.09 -5.37 -6.09
C PRO B 211 14.44 -5.25 -6.77
N THR B 212 15.29 -4.29 -6.41
CA THR B 212 16.57 -4.13 -7.08
C THR B 212 17.77 -4.51 -6.21
N ILE B 213 17.56 -4.79 -4.93
CA ILE B 213 18.62 -5.26 -4.05
C ILE B 213 18.71 -6.77 -4.23
N GLU B 214 19.83 -7.24 -4.78
CA GLU B 214 19.93 -8.61 -5.30
C GLU B 214 20.62 -9.52 -4.29
N TYR B 215 19.88 -9.83 -3.23
CA TYR B 215 20.34 -10.80 -2.24
C TYR B 215 19.97 -12.21 -2.68
N ASP B 216 20.66 -13.19 -2.08
CA ASP B 216 20.56 -14.58 -2.50
C ASP B 216 19.52 -15.35 -1.68
N TYR B 217 18.71 -16.16 -2.38
CA TYR B 217 17.80 -17.09 -1.71
C TYR B 217 17.42 -18.26 -2.61
N THR B 218 18.18 -18.53 -3.67
CA THR B 218 17.81 -19.55 -4.65
C THR B 218 19.08 -20.29 -5.07
N ARG B 219 18.99 -20.99 -6.21
CA ARG B 219 20.06 -21.84 -6.72
C ARG B 219 20.47 -22.90 -5.70
N LYS C 4 6.28 15.57 -8.63
CA LYS C 4 6.71 14.45 -9.48
C LYS C 4 6.60 14.84 -10.95
N PHE C 5 6.55 16.14 -11.22
CA PHE C 5 6.43 16.67 -12.57
C PHE C 5 7.75 17.25 -13.04
N VAL C 6 8.11 16.95 -14.29
CA VAL C 6 9.35 17.47 -14.86
C VAL C 6 9.27 18.98 -15.00
N TYR C 7 8.08 19.53 -15.20
CA TYR C 7 7.93 20.98 -15.33
C TYR C 7 8.23 21.69 -14.02
N LYS C 8 8.01 21.02 -12.88
CA LYS C 8 8.33 21.58 -11.57
C LYS C 8 9.82 21.54 -11.27
N GLU C 9 10.64 21.01 -12.17
CA GLU C 9 12.09 20.99 -12.01
C GLU C 9 12.81 21.91 -12.99
N GLU C 10 12.38 21.93 -14.24
CA GLU C 10 13.01 22.80 -15.23
C GLU C 10 12.65 24.28 -15.02
N HIS C 11 11.55 24.55 -14.31
CA HIS C 11 11.14 25.92 -14.00
C HIS C 11 11.05 26.06 -12.49
N PRO C 12 11.75 27.01 -11.87
CA PRO C 12 11.64 27.21 -10.42
C PRO C 12 10.23 27.65 -10.03
N PHE C 13 9.95 27.54 -8.73
CA PHE C 13 8.61 27.83 -8.24
C PHE C 13 8.23 29.28 -8.48
N GLU C 14 9.20 30.20 -8.38
CA GLU C 14 8.88 31.62 -8.53
C GLU C 14 8.58 31.98 -9.97
N LYS C 15 9.27 31.37 -10.93
CA LYS C 15 8.99 31.65 -12.33
C LYS C 15 7.64 31.07 -12.74
N ARG C 16 7.25 29.93 -12.18
CA ARG C 16 5.94 29.37 -12.49
C ARG C 16 4.82 30.23 -11.93
N ARG C 17 4.97 30.69 -10.69
CA ARG C 17 3.91 31.51 -10.08
C ARG C 17 3.74 32.82 -10.82
N SER C 18 4.84 33.43 -11.27
CA SER C 18 4.73 34.69 -12.00
C SER C 18 4.01 34.50 -13.33
N GLU C 19 4.28 33.39 -14.03
CA GLU C 19 3.59 33.13 -15.28
C GLU C 19 2.14 32.75 -15.04
N GLY C 20 1.87 31.97 -13.99
CA GLY C 20 0.50 31.57 -13.71
C GLY C 20 -0.38 32.74 -13.29
N GLU C 21 0.13 33.61 -12.43
CA GLU C 21 -0.62 34.79 -12.03
C GLU C 21 -0.91 35.69 -13.23
N LYS C 22 0.07 35.86 -14.12
CA LYS C 22 -0.12 36.72 -15.29
C LYS C 22 -1.06 36.09 -16.30
N ILE C 23 -0.97 34.77 -16.47
CA ILE C 23 -1.86 34.09 -17.41
C ILE C 23 -3.30 34.11 -16.91
N ARG C 24 -3.50 33.85 -15.61
CA ARG C 24 -4.84 33.94 -15.03
C ARG C 24 -5.39 35.34 -15.09
N LYS C 25 -4.51 36.36 -15.03
CA LYS C 25 -4.95 37.75 -15.13
C LYS C 25 -5.27 38.13 -16.57
N LYS C 26 -4.44 37.70 -17.52
CA LYS C 26 -4.70 38.00 -18.93
C LYS C 26 -5.95 37.30 -19.42
N TYR C 27 -6.07 35.99 -19.14
CA TYR C 27 -7.17 35.16 -19.63
C TYR C 27 -7.95 34.60 -18.45
N PRO C 28 -8.97 35.32 -17.97
CA PRO C 28 -9.71 34.83 -16.81
C PRO C 28 -10.64 33.66 -17.12
N ASP C 29 -11.09 33.52 -18.36
CA ASP C 29 -11.93 32.41 -18.77
C ASP C 29 -11.12 31.18 -19.18
N ARG C 30 -9.80 31.23 -19.05
CA ARG C 30 -8.93 30.11 -19.38
C ARG C 30 -8.12 29.74 -18.14
N VAL C 31 -7.69 28.49 -18.07
CA VAL C 31 -6.88 28.01 -16.95
C VAL C 31 -5.62 27.33 -17.47
N PRO C 32 -4.45 27.63 -16.90
CA PRO C 32 -3.22 26.98 -17.35
C PRO C 32 -3.10 25.57 -16.79
N VAL C 33 -2.83 24.61 -17.67
CA VAL C 33 -2.79 23.20 -17.30
C VAL C 33 -1.48 22.60 -17.78
N ILE C 34 -0.88 21.76 -16.95
CA ILE C 34 0.32 20.99 -17.28
C ILE C 34 -0.06 19.52 -17.32
N VAL C 35 0.30 18.84 -18.40
CA VAL C 35 -0.04 17.44 -18.62
C VAL C 35 1.24 16.68 -18.95
N GLU C 36 1.51 15.61 -18.19
CA GLU C 36 2.70 14.79 -18.40
C GLU C 36 2.32 13.32 -18.25
N LYS C 37 3.11 12.46 -18.91
CA LYS C 37 2.89 11.03 -18.85
C LYS C 37 3.46 10.44 -17.57
N ALA C 38 2.79 9.40 -17.07
CA ALA C 38 3.30 8.67 -15.91
C ALA C 38 4.64 8.05 -16.24
N PRO C 39 5.55 7.96 -15.25
CA PRO C 39 6.90 7.47 -15.54
C PRO C 39 6.94 6.05 -16.09
N LYS C 40 6.04 5.16 -15.66
CA LYS C 40 6.03 3.77 -16.09
C LYS C 40 4.78 3.45 -16.92
N ALA C 41 4.39 4.37 -17.80
CA ALA C 41 3.25 4.16 -18.69
C ALA C 41 3.73 3.78 -20.08
N ARG C 42 3.04 2.83 -20.69
CA ARG C 42 3.44 2.28 -21.99
C ARG C 42 2.52 2.77 -23.10
N ILE C 43 2.42 4.09 -23.20
CA ILE C 43 1.64 4.75 -24.23
C ILE C 43 2.46 5.89 -24.82
N GLY C 44 1.91 6.48 -25.87
CA GLY C 44 2.62 7.54 -26.57
C GLY C 44 2.79 8.78 -25.71
N ASP C 45 3.81 9.55 -26.05
CA ASP C 45 4.13 10.74 -25.29
C ASP C 45 3.46 11.97 -25.92
N LEU C 46 3.44 13.05 -25.15
CA LEU C 46 2.86 14.32 -25.60
C LEU C 46 3.97 15.22 -26.11
N ASP C 47 3.77 15.80 -27.28
CA ASP C 47 4.68 16.80 -27.82
C ASP C 47 4.49 18.17 -27.19
N LYS C 48 3.44 18.34 -26.39
CA LYS C 48 3.11 19.62 -25.77
C LYS C 48 2.58 19.34 -24.37
N LYS C 49 3.09 20.06 -23.37
CA LYS C 49 2.67 19.85 -22.00
C LYS C 49 2.06 21.08 -21.34
N LYS C 50 2.31 22.28 -21.84
CA LYS C 50 1.73 23.50 -21.30
C LYS C 50 0.49 23.85 -22.11
N TYR C 51 -0.68 23.75 -21.47
CA TYR C 51 -1.95 23.98 -22.14
C TYR C 51 -2.71 25.12 -21.47
N LEU C 52 -3.39 25.92 -22.28
CA LEU C 52 -4.24 27.01 -21.80
C LEU C 52 -5.66 26.72 -22.26
N VAL C 53 -6.46 26.10 -21.40
CA VAL C 53 -7.75 25.55 -21.80
C VAL C 53 -8.89 26.41 -21.25
N PRO C 54 -10.01 26.52 -21.97
CA PRO C 54 -11.14 27.31 -21.46
C PRO C 54 -11.77 26.67 -20.24
N SER C 55 -12.32 27.53 -19.38
CA SER C 55 -12.97 27.04 -18.16
C SER C 55 -14.22 26.22 -18.48
N ASP C 56 -15.00 26.66 -19.46
CA ASP C 56 -16.22 25.94 -19.83
C ASP C 56 -15.94 24.64 -20.56
N LEU C 57 -14.68 24.30 -20.83
CA LEU C 57 -14.36 23.00 -21.40
C LEU C 57 -14.50 21.92 -20.34
N THR C 58 -15.26 20.88 -20.65
CA THR C 58 -15.44 19.80 -19.69
C THR C 58 -14.21 18.90 -19.66
N VAL C 59 -14.01 18.23 -18.53
CA VAL C 59 -12.91 17.29 -18.41
C VAL C 59 -13.02 16.18 -19.44
N GLY C 60 -14.26 15.76 -19.73
CA GLY C 60 -14.45 14.75 -20.75
C GLY C 60 -14.06 15.23 -22.13
N GLN C 61 -14.30 16.52 -22.42
CA GLN C 61 -13.84 17.09 -23.68
C GLN C 61 -12.32 17.21 -23.71
N PHE C 62 -11.70 17.51 -22.56
CA PHE C 62 -10.24 17.56 -22.52
C PHE C 62 -9.64 16.16 -22.66
N TYR C 63 -10.35 15.13 -22.21
CA TYR C 63 -9.96 13.76 -22.52
C TYR C 63 -9.83 13.57 -24.03
N PHE C 64 -10.82 14.03 -24.79
CA PHE C 64 -10.85 13.77 -26.22
C PHE C 64 -9.70 14.46 -26.94
N LEU C 65 -9.34 15.68 -26.51
CA LEU C 65 -8.22 16.36 -27.13
C LEU C 65 -6.90 15.64 -26.83
N ILE C 66 -6.67 15.30 -25.56
CA ILE C 66 -5.45 14.58 -25.21
C ILE C 66 -5.42 13.21 -25.87
N ARG C 67 -6.58 12.57 -26.02
CA ARG C 67 -6.64 11.30 -26.75
C ARG C 67 -6.14 11.48 -28.17
N LYS C 68 -6.60 12.52 -28.86
CA LYS C 68 -6.20 12.73 -30.25
C LYS C 68 -4.72 13.11 -30.36
N ARG C 69 -4.18 13.82 -29.37
CA ARG C 69 -2.79 14.26 -29.46
C ARG C 69 -1.80 13.12 -29.27
N ILE C 70 -2.23 11.98 -28.73
CA ILE C 70 -1.38 10.81 -28.58
C ILE C 70 -1.86 9.66 -29.47
N HIS C 71 -2.85 9.90 -30.33
CA HIS C 71 -3.31 8.97 -31.35
C HIS C 71 -3.81 7.66 -30.71
N LEU C 72 -4.95 7.80 -30.02
CA LEU C 72 -5.63 6.69 -29.38
C LEU C 72 -7.05 6.59 -29.91
N ARG C 73 -7.61 5.39 -29.83
CA ARG C 73 -9.00 5.15 -30.21
C ARG C 73 -9.89 5.15 -28.97
N ALA C 74 -11.19 4.97 -29.19
CA ALA C 74 -12.13 4.97 -28.07
C ALA C 74 -12.01 3.71 -27.22
N GLU C 75 -11.41 2.65 -27.75
CA GLU C 75 -11.25 1.41 -27.00
C GLU C 75 -9.96 1.36 -26.17
N ASP C 76 -8.98 2.20 -26.49
CA ASP C 76 -7.76 2.24 -25.71
C ASP C 76 -7.99 2.99 -24.41
N ALA C 77 -7.28 2.55 -23.36
CA ALA C 77 -7.49 3.11 -22.03
C ALA C 77 -6.69 4.38 -21.85
N LEU C 78 -7.29 5.34 -21.13
CA LEU C 78 -6.62 6.59 -20.78
C LEU C 78 -7.27 7.14 -19.53
N PHE C 79 -6.46 7.53 -18.55
CA PHE C 79 -6.95 8.02 -17.28
C PHE C 79 -6.18 9.26 -16.88
N PHE C 80 -6.86 10.23 -16.28
CA PHE C 80 -6.24 11.42 -15.73
C PHE C 80 -6.09 11.27 -14.22
N PHE C 81 -5.00 11.83 -13.68
CA PHE C 81 -4.72 11.81 -12.26
C PHE C 81 -4.37 13.22 -11.80
N VAL C 82 -5.20 13.79 -10.93
CA VAL C 82 -4.97 15.11 -10.36
C VAL C 82 -4.89 14.93 -8.85
N ASN C 83 -3.67 15.04 -8.31
CA ASN C 83 -3.40 14.77 -6.89
C ASN C 83 -3.87 13.37 -6.52
N ASN C 84 -3.52 12.40 -7.36
CA ASN C 84 -3.87 10.98 -7.18
C ASN C 84 -5.39 10.77 -7.19
N VAL C 85 -6.11 11.57 -7.97
CA VAL C 85 -7.57 11.47 -8.07
C VAL C 85 -7.95 11.53 -9.55
N ILE C 86 -8.80 10.61 -9.98
CA ILE C 86 -9.34 10.61 -11.32
C ILE C 86 -10.54 11.56 -11.37
N PRO C 87 -10.46 12.68 -12.08
CA PRO C 87 -11.57 13.63 -12.07
C PRO C 87 -12.75 13.10 -12.85
N PRO C 88 -13.97 13.50 -12.50
CA PRO C 88 -15.14 13.07 -13.28
C PRO C 88 -15.22 13.83 -14.59
N THR C 89 -15.58 13.09 -15.65
CA THR C 89 -15.64 13.70 -16.99
C THR C 89 -16.75 14.73 -17.12
N SER C 90 -17.65 14.83 -16.13
CA SER C 90 -18.72 15.82 -16.18
C SER C 90 -18.29 17.17 -15.63
N ALA C 91 -17.25 17.22 -14.82
CA ALA C 91 -16.77 18.48 -14.27
C ALA C 91 -16.05 19.30 -15.33
N THR C 92 -16.16 20.61 -15.22
CA THR C 92 -15.49 21.50 -16.17
C THR C 92 -14.04 21.73 -15.73
N MET C 93 -13.21 22.15 -16.69
CA MET C 93 -11.82 22.45 -16.38
C MET C 93 -11.70 23.61 -15.42
N GLY C 94 -12.67 24.54 -15.44
CA GLY C 94 -12.66 25.62 -14.47
C GLY C 94 -12.97 25.16 -13.06
N GLN C 95 -13.85 24.15 -12.92
CA GLN C 95 -14.12 23.60 -11.60
C GLN C 95 -12.95 22.76 -11.10
N LEU C 96 -12.32 22.00 -12.00
CA LEU C 96 -11.15 21.21 -11.60
C LEU C 96 -9.98 22.10 -11.23
N TYR C 97 -9.87 23.27 -11.86
CA TYR C 97 -8.79 24.19 -11.54
C TYR C 97 -9.00 24.84 -10.16
N GLN C 98 -10.23 25.24 -9.86
CA GLN C 98 -10.51 25.90 -8.59
C GLN C 98 -10.22 24.98 -7.40
N GLU C 99 -10.30 23.67 -7.60
CA GLU C 99 -10.18 22.71 -6.51
C GLU C 99 -8.78 22.14 -6.35
N HIS C 100 -7.99 22.07 -7.42
CA HIS C 100 -6.73 21.35 -7.39
C HIS C 100 -5.52 22.14 -7.88
N HIS C 101 -5.67 23.42 -8.20
CA HIS C 101 -4.52 24.16 -8.72
C HIS C 101 -3.51 24.42 -7.59
N GLU C 102 -2.24 24.24 -7.91
CA GLU C 102 -1.18 24.38 -6.92
C GLU C 102 -0.92 25.86 -6.64
N GLU C 103 -0.01 26.12 -5.69
CA GLU C 103 0.27 27.48 -5.28
C GLU C 103 0.89 28.32 -6.40
N ASP C 104 1.45 27.69 -7.42
CA ASP C 104 1.94 28.41 -8.59
C ASP C 104 0.84 28.67 -9.61
N PHE C 105 -0.42 28.49 -9.23
CA PHE C 105 -1.59 28.79 -10.07
C PHE C 105 -1.60 27.94 -11.34
N PHE C 106 -1.08 26.72 -11.26
CA PHE C 106 -1.10 25.78 -12.38
C PHE C 106 -1.82 24.50 -11.96
N LEU C 107 -2.66 23.99 -12.85
CA LEU C 107 -3.30 22.70 -12.66
C LEU C 107 -2.42 21.63 -13.28
N TYR C 108 -2.04 20.63 -12.49
CA TYR C 108 -1.16 19.57 -12.92
C TYR C 108 -1.96 18.28 -13.10
N ILE C 109 -1.78 17.63 -14.25
CA ILE C 109 -2.49 16.40 -14.59
C ILE C 109 -1.47 15.40 -15.12
N ALA C 110 -1.54 14.17 -14.60
CA ALA C 110 -0.74 13.06 -15.11
C ALA C 110 -1.67 12.05 -15.75
N TYR C 111 -1.21 11.43 -16.84
CA TYR C 111 -2.03 10.49 -17.59
C TYR C 111 -1.30 9.17 -17.77
N SER C 112 -2.09 8.11 -17.92
CA SER C 112 -1.56 6.76 -18.08
C SER C 112 -2.66 5.89 -18.68
N ASP C 113 -2.31 4.66 -18.99
CA ASP C 113 -3.26 3.67 -19.50
C ASP C 113 -3.80 2.76 -18.41
N GLU C 114 -3.39 2.97 -17.16
CA GLU C 114 -3.83 2.16 -16.04
C GLU C 114 -4.64 3.01 -15.08
N SER C 115 -5.64 2.37 -14.44
CA SER C 115 -6.46 3.05 -13.46
C SER C 115 -5.67 3.40 -12.20
N VAL C 116 -4.58 2.68 -11.93
CA VAL C 116 -3.66 2.98 -10.85
C VAL C 116 -2.31 3.26 -11.51
N TYR C 117 -1.87 4.52 -11.46
CA TYR C 117 -0.64 4.88 -12.16
C TYR C 117 0.59 4.25 -11.53
N GLY C 118 0.49 3.70 -10.33
CA GLY C 118 1.59 3.00 -9.70
C GLY C 118 1.65 1.54 -10.09
N LYS D 4 -11.50 8.38 12.44
CA LYS D 4 -10.40 7.68 13.10
C LYS D 4 -10.18 8.20 14.52
N PHE D 5 -10.31 9.51 14.70
CA PHE D 5 -10.18 10.13 16.01
C PHE D 5 -11.55 10.23 16.67
N VAL D 6 -11.61 9.83 17.95
CA VAL D 6 -12.85 9.93 18.70
C VAL D 6 -13.19 11.39 18.97
N TYR D 7 -12.18 12.26 19.09
CA TYR D 7 -12.43 13.66 19.39
C TYR D 7 -13.09 14.38 18.23
N LYS D 8 -12.77 14.00 16.99
CA LYS D 8 -13.35 14.64 15.82
C LYS D 8 -14.78 14.20 15.55
N GLU D 9 -15.33 13.28 16.34
CA GLU D 9 -16.70 12.83 16.17
C GLU D 9 -17.66 13.42 17.20
N GLU D 10 -17.18 13.65 18.42
CA GLU D 10 -18.02 14.24 19.46
C GLU D 10 -18.02 15.76 19.41
N HIS D 11 -17.06 16.38 18.73
CA HIS D 11 -17.00 17.82 18.57
C HIS D 11 -17.01 18.16 17.08
N PRO D 12 -17.93 19.00 16.63
CA PRO D 12 -17.98 19.35 15.21
C PRO D 12 -16.76 20.15 14.78
N PHE D 13 -16.60 20.28 13.47
CA PHE D 13 -15.43 20.96 12.92
C PHE D 13 -15.43 22.44 13.29
N GLU D 14 -16.60 23.07 13.36
CA GLU D 14 -16.65 24.49 13.69
C GLU D 14 -16.36 24.74 15.17
N LYS D 15 -16.80 23.83 16.03
CA LYS D 15 -16.57 24.01 17.46
C LYS D 15 -15.09 23.88 17.81
N ARG D 16 -14.38 22.96 17.14
CA ARG D 16 -12.95 22.82 17.38
C ARG D 16 -12.18 24.04 16.92
N ARG D 17 -12.56 24.61 15.77
CA ARG D 17 -11.85 25.77 15.25
C ARG D 17 -12.03 26.98 16.15
N SER D 18 -13.24 27.20 16.66
CA SER D 18 -13.47 28.35 17.54
C SER D 18 -12.71 28.20 18.85
N GLU D 19 -12.60 26.98 19.36
CA GLU D 19 -11.84 26.76 20.59
C GLU D 19 -10.34 26.91 20.34
N GLY D 20 -9.86 26.42 19.19
CA GLY D 20 -8.43 26.51 18.91
C GLY D 20 -7.98 27.93 18.62
N GLU D 21 -8.81 28.71 17.91
CA GLU D 21 -8.45 30.09 17.62
C GLU D 21 -8.34 30.91 18.90
N LYS D 22 -9.25 30.69 19.85
CA LYS D 22 -9.21 31.44 21.10
C LYS D 22 -8.05 31.02 21.98
N ILE D 23 -7.68 29.74 21.95
CA ILE D 23 -6.55 29.27 22.75
C ILE D 23 -5.23 29.80 22.21
N ARG D 24 -5.11 29.88 20.88
CA ARG D 24 -3.85 30.32 20.28
C ARG D 24 -3.60 31.81 20.54
N LYS D 25 -4.65 32.62 20.55
CA LYS D 25 -4.46 34.05 20.76
C LYS D 25 -4.15 34.36 22.22
N LYS D 26 -4.87 33.73 23.16
CA LYS D 26 -4.63 34.00 24.57
C LYS D 26 -3.31 33.42 25.03
N TYR D 27 -2.93 32.25 24.52
CA TYR D 27 -1.68 31.58 24.87
C TYR D 27 -0.85 31.39 23.61
N PRO D 28 -0.09 32.41 23.21
CA PRO D 28 0.75 32.28 22.00
C PRO D 28 1.92 31.33 22.17
N ASP D 29 2.38 31.10 23.40
CA ASP D 29 3.48 30.17 23.67
C ASP D 29 2.99 28.75 23.88
N ARG D 30 1.69 28.49 23.75
CA ARG D 30 1.10 27.18 23.97
C ARG D 30 0.35 26.74 22.73
N VAL D 31 0.43 25.44 22.43
CA VAL D 31 -0.21 24.85 21.26
C VAL D 31 -1.15 23.75 21.73
N PRO D 32 -2.39 23.70 21.24
CA PRO D 32 -3.30 22.62 21.65
C PRO D 32 -3.03 21.33 20.90
N VAL D 33 -3.03 20.22 21.64
CA VAL D 33 -2.68 18.92 21.09
C VAL D 33 -3.73 17.90 21.51
N ILE D 34 -4.10 17.03 20.57
CA ILE D 34 -5.00 15.91 20.81
C ILE D 34 -4.23 14.62 20.60
N VAL D 35 -4.24 13.76 21.62
CA VAL D 35 -3.49 12.50 21.59
C VAL D 35 -4.46 11.35 21.81
N GLU D 36 -4.44 10.37 20.92
CA GLU D 36 -5.31 9.21 21.01
C GLU D 36 -4.55 7.95 20.63
N LYS D 37 -4.99 6.82 21.18
CA LYS D 37 -4.40 5.53 20.89
C LYS D 37 -4.81 5.06 19.50
N ALA D 38 -3.91 4.31 18.87
CA ALA D 38 -4.19 3.75 17.55
C ALA D 38 -5.35 2.76 17.64
N PRO D 39 -6.18 2.67 16.60
CA PRO D 39 -7.35 1.78 16.66
C PRO D 39 -6.98 0.31 16.81
N LYS D 40 -5.76 -0.09 16.46
CA LYS D 40 -5.35 -1.49 16.50
C LYS D 40 -4.06 -1.64 17.30
N ALA D 41 -3.96 -0.96 18.43
CA ALA D 41 -2.78 -0.98 19.27
C ALA D 41 -3.06 -1.73 20.56
N ARG D 42 -2.08 -2.52 21.01
CA ARG D 42 -2.17 -3.29 22.25
C ARG D 42 -1.30 -2.57 23.29
N ILE D 43 -1.82 -1.46 23.82
CA ILE D 43 -1.11 -0.66 24.80
C ILE D 43 -2.13 0.04 25.68
N GLY D 44 -1.69 0.49 26.84
CA GLY D 44 -2.59 1.13 27.78
C GLY D 44 -3.16 2.43 27.24
N ASP D 45 -4.33 2.79 27.77
CA ASP D 45 -5.06 3.96 27.30
C ASP D 45 -4.68 5.20 28.10
N LEU D 46 -5.03 6.36 27.55
CA LEU D 46 -4.76 7.64 28.18
C LEU D 46 -6.00 8.13 28.90
N ASP D 47 -5.84 8.56 30.15
CA ASP D 47 -6.93 9.18 30.89
C ASP D 47 -7.18 10.62 30.47
N LYS D 48 -6.31 11.19 29.65
CA LYS D 48 -6.43 12.57 29.19
C LYS D 48 -5.99 12.64 27.74
N LYS D 49 -6.81 13.27 26.89
CA LYS D 49 -6.50 13.38 25.47
C LYS D 49 -6.34 14.80 24.96
N LYS D 50 -6.95 15.78 25.63
CA LYS D 50 -6.78 17.17 25.25
C LYS D 50 -5.63 17.78 26.04
N TYR D 51 -4.62 18.26 25.33
CA TYR D 51 -3.43 18.82 25.97
C TYR D 51 -3.17 20.23 25.46
N LEU D 52 -2.51 21.03 26.30
CA LEU D 52 -2.15 22.41 26.02
C LEU D 52 -0.69 22.57 26.46
N VAL D 53 0.24 22.35 25.53
CA VAL D 53 1.65 22.22 25.87
C VAL D 53 2.44 23.45 25.43
N PRO D 54 3.49 23.82 26.15
CA PRO D 54 4.31 24.97 25.74
C PRO D 54 5.01 24.71 24.40
N SER D 55 5.29 25.80 23.70
CA SER D 55 5.91 25.69 22.38
C SER D 55 7.37 25.26 22.48
N ASP D 56 8.11 25.82 23.44
CA ASP D 56 9.51 25.46 23.61
C ASP D 56 9.71 24.05 24.12
N LEU D 57 8.63 23.35 24.48
CA LEU D 57 8.74 21.95 24.87
C LEU D 57 9.12 21.10 23.66
N THR D 58 10.11 20.22 23.84
CA THR D 58 10.54 19.37 22.74
C THR D 58 9.62 18.15 22.61
N VAL D 59 9.66 17.54 21.43
CA VAL D 59 8.87 16.34 21.18
C VAL D 59 9.33 15.21 22.09
N GLY D 60 10.63 15.10 22.32
CA GLY D 60 11.14 14.09 23.23
C GLY D 60 10.65 14.28 24.65
N GLN D 61 10.57 15.53 25.09
CA GLN D 61 10.02 15.82 26.42
C GLN D 61 8.54 15.49 26.48
N PHE D 62 7.82 15.67 25.37
CA PHE D 62 6.41 15.30 25.35
C PHE D 62 6.24 13.78 25.32
N TYR D 63 7.21 13.07 24.73
CA TYR D 63 7.23 11.61 24.84
C TYR D 63 7.25 11.17 26.30
N PHE D 64 8.12 11.80 27.11
CA PHE D 64 8.27 11.40 28.49
C PHE D 64 6.98 11.62 29.27
N LEU D 65 6.31 12.76 29.04
CA LEU D 65 5.08 13.04 29.78
C LEU D 65 3.99 12.02 29.43
N ILE D 66 3.86 11.66 28.16
CA ILE D 66 2.86 10.68 27.77
C ILE D 66 3.26 9.30 28.28
N ARG D 67 4.56 8.98 28.27
CA ARG D 67 5.01 7.71 28.81
C ARG D 67 4.65 7.56 30.28
N LYS D 68 4.79 8.64 31.05
CA LYS D 68 4.47 8.58 32.47
C LYS D 68 2.98 8.43 32.71
N ARG D 69 2.14 8.89 31.77
CA ARG D 69 0.70 8.81 31.95
C ARG D 69 0.14 7.42 31.66
N ILE D 70 0.85 6.59 30.89
CA ILE D 70 0.42 5.22 30.62
C ILE D 70 1.32 4.21 31.31
N HIS D 71 2.15 4.66 32.25
CA HIS D 71 2.97 3.79 33.09
C HIS D 71 3.85 2.86 32.26
N LEU D 72 4.74 3.49 31.49
CA LEU D 72 5.72 2.78 30.69
C LEU D 72 7.12 3.13 31.15
N ARG D 73 8.05 2.25 30.86
CA ARG D 73 9.46 2.45 31.15
C ARG D 73 10.21 2.77 29.86
N ALA D 74 11.52 3.02 29.99
CA ALA D 74 12.35 3.27 28.83
C ALA D 74 12.53 2.03 27.96
N GLU D 75 12.29 0.84 28.51
CA GLU D 75 12.43 -0.39 27.74
C GLU D 75 11.20 -0.68 26.89
N ASP D 76 10.03 -0.21 27.31
CA ASP D 76 8.81 -0.43 26.54
C ASP D 76 8.74 0.51 25.35
N ALA D 77 8.14 0.02 24.27
CA ALA D 77 8.11 0.75 23.02
C ALA D 77 6.91 1.69 22.96
N LEU D 78 7.14 2.90 22.48
CA LEU D 78 6.08 3.89 22.26
C LEU D 78 6.48 4.78 21.10
N PHE D 79 5.58 4.94 20.14
CA PHE D 79 5.82 5.75 18.95
C PHE D 79 4.71 6.77 18.79
N PHE D 80 5.06 7.91 18.21
CA PHE D 80 4.10 8.95 17.87
C PHE D 80 3.88 8.98 16.36
N PHE D 81 2.68 9.38 15.96
CA PHE D 81 2.31 9.47 14.55
C PHE D 81 1.56 10.76 14.32
N VAL D 82 2.10 11.62 13.45
CA VAL D 82 1.46 12.86 13.05
C VAL D 82 1.40 12.85 11.54
N ASN D 83 0.20 12.65 10.98
CA ASN D 83 0.00 12.52 9.54
C ASN D 83 0.87 11.39 8.97
N ASN D 84 0.80 10.23 9.65
CA ASN D 84 1.57 9.04 9.28
C ASN D 84 3.08 9.30 9.30
N VAL D 85 3.53 10.23 10.13
CA VAL D 85 4.94 10.58 10.24
C VAL D 85 5.33 10.58 11.72
N ILE D 86 6.47 9.97 12.03
CA ILE D 86 7.01 9.98 13.39
C ILE D 86 7.86 11.25 13.53
N PRO D 87 7.49 12.18 14.41
CA PRO D 87 8.23 13.44 14.49
C PRO D 87 9.57 13.23 15.17
N PRO D 88 10.58 14.02 14.81
CA PRO D 88 11.88 13.88 15.49
C PRO D 88 11.80 14.37 16.92
N THR D 89 12.46 13.64 17.82
CA THR D 89 12.46 14.00 19.23
C THR D 89 13.26 15.25 19.52
N SER D 90 14.04 15.75 18.56
CA SER D 90 14.79 16.99 18.74
C SER D 90 13.98 18.23 18.42
N ALA D 91 12.93 18.10 17.60
CA ALA D 91 12.11 19.24 17.24
C ALA D 91 11.22 19.65 18.40
N THR D 92 10.88 20.93 18.45
CA THR D 92 10.01 21.43 19.50
C THR D 92 8.55 21.24 19.14
N MET D 93 7.70 21.24 20.17
CA MET D 93 6.26 21.13 19.95
C MET D 93 5.72 22.34 19.19
N GLY D 94 6.39 23.49 19.31
CA GLY D 94 5.99 24.65 18.54
C GLY D 94 6.30 24.49 17.06
N GLN D 95 7.41 23.83 16.74
CA GLN D 95 7.72 23.56 15.34
C GLN D 95 6.79 22.51 14.77
N LEU D 96 6.44 21.50 15.57
CA LEU D 96 5.54 20.45 15.10
C LEU D 96 4.14 20.97 14.84
N TYR D 97 3.70 21.95 15.64
CA TYR D 97 2.38 22.55 15.41
C TYR D 97 2.39 23.44 14.18
N GLN D 98 3.48 24.18 13.96
CA GLN D 98 3.56 25.06 12.80
C GLN D 98 3.46 24.30 11.49
N GLU D 99 3.86 23.03 11.49
CA GLU D 99 3.96 22.26 10.26
C GLU D 99 2.79 21.30 10.04
N HIS D 100 2.14 20.83 11.10
CA HIS D 100 1.17 19.76 10.97
C HIS D 100 -0.22 20.06 11.56
N HIS D 101 -0.46 21.28 12.04
CA HIS D 101 -1.75 21.56 12.67
C HIS D 101 -2.85 21.60 11.61
N GLU D 102 -4.03 21.07 11.97
CA GLU D 102 -5.14 20.99 11.05
C GLU D 102 -5.88 22.32 10.98
N GLU D 103 -6.93 22.35 10.15
CA GLU D 103 -7.72 23.57 9.97
C GLU D 103 -8.47 23.97 11.22
N ASP D 104 -8.70 23.04 12.14
CA ASP D 104 -9.32 23.33 13.42
C ASP D 104 -8.31 23.82 14.47
N PHE D 105 -7.09 24.16 14.04
CA PHE D 105 -6.04 24.69 14.92
C PHE D 105 -5.66 23.69 16.02
N PHE D 106 -5.81 22.40 15.74
CA PHE D 106 -5.45 21.35 16.68
C PHE D 106 -4.40 20.44 16.06
N LEU D 107 -3.33 20.20 16.81
CA LEU D 107 -2.32 19.22 16.41
C LEU D 107 -2.75 17.85 16.90
N TYR D 108 -2.93 16.91 15.97
CA TYR D 108 -3.39 15.57 16.29
C TYR D 108 -2.21 14.60 16.27
N ILE D 109 -2.08 13.80 17.32
CA ILE D 109 -1.01 12.83 17.48
C ILE D 109 -1.61 11.50 17.87
N ALA D 110 -1.30 10.46 17.11
CA ALA D 110 -1.67 9.11 17.50
C ALA D 110 -0.45 8.39 18.05
N TYR D 111 -0.67 7.52 19.03
CA TYR D 111 0.42 6.76 19.63
C TYR D 111 0.12 5.28 19.56
N SER D 112 1.18 4.48 19.58
CA SER D 112 1.08 3.03 19.52
C SER D 112 2.38 2.43 20.03
N ASP D 113 2.35 1.12 20.27
CA ASP D 113 3.56 0.39 20.58
C ASP D 113 4.25 -0.14 19.34
N GLU D 114 3.63 0.01 18.17
CA GLU D 114 4.19 -0.42 16.90
C GLU D 114 4.70 0.78 16.13
N SER D 115 5.85 0.61 15.47
CA SER D 115 6.39 1.69 14.65
C SER D 115 5.57 1.94 13.40
N VAL D 116 4.69 1.00 13.03
CA VAL D 116 3.73 1.17 11.96
C VAL D 116 2.36 0.86 12.56
N TYR D 117 1.56 1.90 12.77
CA TYR D 117 0.25 1.69 13.36
C TYR D 117 -0.72 1.14 12.31
N GLY D 118 -1.64 0.31 12.76
CA GLY D 118 -2.54 -0.40 11.87
C GLY D 118 -2.09 -1.83 11.67
S SO4 E . -19.50 -19.69 -28.01
O1 SO4 E . -20.21 -20.28 -29.13
O2 SO4 E . -18.10 -19.48 -28.37
O3 SO4 E . -20.10 -18.40 -27.69
O4 SO4 E . -19.59 -20.58 -26.85
C1 EDO F . -3.48 -9.83 -4.58
O1 EDO F . -2.66 -9.58 -3.44
C2 EDO F . -3.52 -11.32 -4.89
O2 EDO F . -2.76 -11.61 -6.06
C1 EDO G . -26.39 -14.63 -17.14
O1 EDO G . -26.59 -15.49 -18.27
C2 EDO G . -26.15 -13.20 -17.60
O2 EDO G . -27.36 -12.64 -18.13
C1 EDO H . 6.29 -10.51 2.83
O1 EDO H . 5.90 -11.63 3.64
C2 EDO H . 5.06 -9.82 2.28
O2 EDO H . 5.43 -8.67 1.52
C1 EDO I . 29.27 -11.32 14.64
O1 EDO I . 29.30 -12.52 15.43
C2 EDO I . 29.10 -10.12 15.56
O2 EDO I . 30.25 -10.00 16.40
#